data_3ION
#
_entry.id   3ION
#
_cell.length_a   123.368
_cell.length_b   123.368
_cell.length_c   47.265
_cell.angle_alpha   90.00
_cell.angle_beta   90.00
_cell.angle_gamma   120.00
#
_symmetry.space_group_name_H-M   'P 32 2 1'
#
loop_
_entity.id
_entity.type
_entity.pdbx_description
1 polymer '3-phosphoinositide-dependent protein kinase 1'
2 non-polymer 2-(5-{[(2S)-2-amino-3-phenylpropyl]oxy}pyridin-3-yl)-8,9-dimethoxybenzo[c][2,7]naphthyridin-4-amine
3 non-polymer 'SULFATE ION'
4 water water
#
_entity_poly.entity_id   1
_entity_poly.type   'polypeptide(L)'
_entity_poly.pdbx_seq_one_letter_code
;GPAMDGTAAEPRPGAGSLQHAQPPPQPRKKRPEDFKFGKILGEGSFSTVVLARELATSREYAIKILEKRHIIKENKVPYV
TRERDVMSRLDHPFFVKLYFTFQDDEKLYFGLSYAKNGELLKYIRKIGSFDETCTRFYTAEIVSALEYLHGKGIIHRDLK
PENILLNEDMHIQITDFGTAKVLSPESKQARANSFVGTAQYVSPELLTEKSACKSSDLWALGCIIYQLVAGLPPFRAGNE
YLIFQKIIKLEYDFPEKFFPKARDLVEKLLVLDATKRLGCEEMEGYGPLKAHPFFESVTWENLHQQTPPKLT
;
_entity_poly.pdbx_strand_id   A
#
loop_
_chem_comp.id
_chem_comp.type
_chem_comp.name
_chem_comp.formula
8H1 non-polymer 2-(5-{[(2S)-2-amino-3-phenylpropyl]oxy}pyridin-3-yl)-8,9-dimethoxybenzo[c][2,7]naphthyridin-4-amine 'C28 H27 N5 O3'
SO4 non-polymer 'SULFATE ION' 'O4 S -2'
#
# COMPACT_ATOMS: atom_id res chain seq x y z
N ARG A 28 19.60 -22.28 -13.11
CA ARG A 28 19.14 -20.85 -13.20
C ARG A 28 18.86 -20.21 -11.85
N LYS A 29 18.77 -21.03 -10.79
CA LYS A 29 18.57 -20.52 -9.43
C LYS A 29 19.74 -19.64 -9.02
N LYS A 30 19.43 -18.40 -8.67
CA LYS A 30 20.43 -17.42 -8.24
C LYS A 30 20.91 -17.73 -6.83
N ARG A 31 22.07 -17.17 -6.48
CA ARG A 31 22.71 -17.41 -5.19
C ARG A 31 23.06 -16.06 -4.54
N PRO A 32 23.29 -16.04 -3.21
CA PRO A 32 23.77 -14.81 -2.56
C PRO A 32 25.08 -14.29 -3.17
N GLU A 33 25.88 -15.19 -3.71
CA GLU A 33 27.16 -14.88 -4.36
C GLU A 33 26.99 -14.12 -5.68
N ASP A 34 25.82 -14.25 -6.30
CA ASP A 34 25.50 -13.57 -7.57
C ASP A 34 25.27 -12.07 -7.40
N PHE A 35 25.21 -11.61 -6.15
CA PHE A 35 24.89 -10.22 -5.83
C PHE A 35 25.95 -9.56 -4.98
N LYS A 36 26.06 -8.24 -5.14
CA LYS A 36 26.79 -7.38 -4.25
C LYS A 36 25.76 -6.67 -3.38
N PHE A 37 25.60 -7.17 -2.15
CA PHE A 37 24.64 -6.60 -1.20
C PHE A 37 25.15 -5.26 -0.67
N GLY A 38 24.23 -4.33 -0.44
CA GLY A 38 24.58 -2.97 -0.01
C GLY A 38 23.81 -2.55 1.23
N LYS A 39 23.33 -1.31 1.24
CA LYS A 39 22.62 -0.78 2.41
C LYS A 39 21.30 -1.49 2.71
N ILE A 40 20.92 -1.46 3.99
CA ILE A 40 19.60 -1.88 4.45
C ILE A 40 18.59 -0.78 4.12
N LEU A 41 17.55 -1.15 3.38
CA LEU A 41 16.48 -0.22 2.99
C LEU A 41 15.38 -0.14 4.05
N GLY A 42 15.03 -1.30 4.61
CA GLY A 42 14.02 -1.37 5.65
C GLY A 42 14.19 -2.57 6.56
N GLU A 43 13.59 -2.49 7.75
CA GLU A 43 13.67 -3.55 8.75
C GLU A 43 12.32 -3.83 9.38
N GLY A 44 11.97 -5.11 9.48
CA GLY A 44 10.76 -5.52 10.18
C GLY A 44 11.07 -6.62 11.18
N SER A 45 10.02 -7.19 11.78
CA SER A 45 10.18 -8.25 12.77
C SER A 45 10.65 -9.56 12.16
N PHE A 46 10.24 -9.81 10.92
CA PHE A 46 10.50 -11.09 10.28
C PHE A 46 11.38 -11.00 9.04
N SER A 47 11.71 -9.79 8.62
CA SER A 47 12.53 -9.59 7.44
C SER A 47 13.36 -8.29 7.46
N THR A 48 14.39 -8.29 6.63
CA THR A 48 15.19 -7.12 6.33
C THR A 48 15.22 -6.97 4.81
N VAL A 49 15.00 -5.74 4.34
CA VAL A 49 15.12 -5.44 2.92
C VAL A 49 16.42 -4.69 2.65
N VAL A 50 17.21 -5.24 1.72
CA VAL A 50 18.57 -4.78 1.45
C VAL A 50 18.73 -4.52 -0.04
N LEU A 51 19.40 -3.41 -0.38
CA LEU A 51 19.75 -3.10 -1.76
C LEU A 51 20.87 -4.03 -2.24
N ALA A 52 20.68 -4.61 -3.43
CA ALA A 52 21.68 -5.51 -4.02
C ALA A 52 21.88 -5.29 -5.51
N ARG A 53 23.15 -5.25 -5.92
CA ARG A 53 23.52 -5.17 -7.33
C ARG A 53 23.84 -6.58 -7.82
N GLU A 54 23.11 -7.04 -8.83
CA GLU A 54 23.44 -8.30 -9.49
C GLU A 54 24.70 -8.10 -10.32
N LEU A 55 25.69 -8.97 -10.11
CA LEU A 55 27.03 -8.77 -10.67
C LEU A 55 27.11 -9.00 -12.18
N ALA A 56 26.41 -10.03 -12.66
CA ALA A 56 26.38 -10.36 -14.09
C ALA A 56 25.64 -9.35 -14.96
N THR A 57 24.71 -8.60 -14.37
CA THR A 57 23.82 -7.71 -15.13
C THR A 57 23.91 -6.24 -14.74
N SER A 58 24.48 -5.95 -13.56
CA SER A 58 24.55 -4.59 -13.00
C SER A 58 23.18 -4.07 -12.52
N ARG A 59 22.19 -4.96 -12.48
CA ARG A 59 20.83 -4.61 -12.07
C ARG A 59 20.68 -4.51 -10.56
N GLU A 60 19.98 -3.47 -10.11
CA GLU A 60 19.67 -3.27 -8.71
C GLU A 60 18.31 -3.87 -8.34
N TYR A 61 18.30 -4.70 -7.31
CA TYR A 61 17.09 -5.27 -6.77
C TYR A 61 16.97 -4.95 -5.28
N ALA A 62 15.73 -4.92 -4.80
CA ALA A 62 15.46 -4.82 -3.38
C ALA A 62 15.16 -6.22 -2.88
N ILE A 63 16.14 -6.82 -2.22
CA ILE A 63 16.03 -8.21 -1.76
C ILE A 63 15.51 -8.28 -0.33
N LYS A 64 14.34 -8.92 -0.17
CA LYS A 64 13.75 -9.17 1.12
C LYS A 64 14.35 -10.46 1.68
N ILE A 65 15.03 -10.34 2.81
CA ILE A 65 15.71 -11.47 3.44
C ILE A 65 14.96 -11.91 4.71
N LEU A 66 14.61 -13.19 4.75
CA LEU A 66 13.80 -13.73 5.83
C LEU A 66 14.48 -14.94 6.48
N GLU A 67 14.71 -14.85 7.79
CA GLU A 67 15.31 -15.95 8.55
C GLU A 67 14.28 -17.05 8.79
N LYS A 68 14.59 -18.25 8.33
CA LYS A 68 13.67 -19.39 8.42
C LYS A 68 13.34 -19.81 9.85
N ARG A 69 14.34 -19.74 10.73
CA ARG A 69 14.20 -20.14 12.13
C ARG A 69 13.17 -19.28 12.87
N HIS A 70 13.24 -17.97 12.66
CA HIS A 70 12.36 -17.00 13.30
C HIS A 70 10.91 -17.13 12.80
N ILE A 71 10.77 -17.43 11.51
CA ILE A 71 9.46 -17.68 10.88
C ILE A 71 8.80 -18.94 11.43
N ILE A 72 9.58 -20.00 11.57
CA ILE A 72 9.10 -21.29 12.11
C ILE A 72 8.71 -21.15 13.60
N LYS A 73 9.55 -20.44 14.36
CA LYS A 73 9.32 -20.24 15.80
C LYS A 73 8.05 -19.45 16.09
N GLU A 74 7.75 -18.47 15.24
CA GLU A 74 6.58 -17.60 15.45
C GLU A 74 5.37 -18.04 14.63
N ASN A 75 5.45 -19.22 14.03
CA ASN A 75 4.40 -19.78 13.15
C ASN A 75 3.95 -18.80 12.06
N LYS A 76 4.90 -18.41 11.21
CA LYS A 76 4.65 -17.46 10.14
C LYS A 76 4.78 -18.09 8.76
N VAL A 77 4.95 -19.41 8.74
CA VAL A 77 5.09 -20.15 7.48
C VAL A 77 3.91 -19.93 6.53
N PRO A 78 2.66 -20.04 7.03
CA PRO A 78 1.51 -19.77 6.15
C PRO A 78 1.51 -18.33 5.61
N TYR A 79 1.99 -17.39 6.44
CA TYR A 79 2.06 -15.97 6.09
C TYR A 79 3.06 -15.69 4.97
N VAL A 80 4.26 -16.25 5.09
CA VAL A 80 5.36 -16.01 4.15
C VAL A 80 5.12 -16.74 2.84
N THR A 81 4.56 -17.94 2.92
CA THR A 81 4.11 -18.70 1.75
C THR A 81 3.09 -17.91 0.95
N ARG A 82 2.07 -17.41 1.65
CA ARG A 82 1.00 -16.61 1.03
C ARG A 82 1.56 -15.33 0.39
N GLU A 83 2.43 -14.63 1.11
CA GLU A 83 3.09 -13.42 0.62
C GLU A 83 3.78 -13.65 -0.73
N ARG A 84 4.57 -14.71 -0.82
CA ARG A 84 5.29 -15.08 -2.04
C ARG A 84 4.31 -15.42 -3.18
N ASP A 85 3.29 -16.21 -2.85
CA ASP A 85 2.25 -16.59 -3.81
C ASP A 85 1.47 -15.40 -4.34
N VAL A 86 1.08 -14.48 -3.46
CA VAL A 86 0.42 -13.23 -3.85
C VAL A 86 1.30 -12.42 -4.80
N MET A 87 2.57 -12.23 -4.42
CA MET A 87 3.51 -11.43 -5.21
C MET A 87 3.80 -12.02 -6.58
N SER A 88 3.78 -13.35 -6.67
CA SER A 88 3.92 -14.08 -7.95
C SER A 88 2.82 -13.74 -8.95
N ARG A 89 1.64 -13.41 -8.44
CA ARG A 89 0.45 -13.16 -9.26
C ARG A 89 0.40 -11.74 -9.77
N LEU A 90 1.17 -10.86 -9.14
CA LEU A 90 1.19 -9.45 -9.45
C LEU A 90 1.95 -9.18 -10.75
N ASP A 91 1.26 -8.58 -11.70
CA ASP A 91 1.81 -8.24 -12.99
C ASP A 91 1.23 -6.88 -13.43
N HIS A 92 1.57 -5.85 -12.68
CA HIS A 92 1.02 -4.51 -12.86
C HIS A 92 2.04 -3.44 -12.48
N PRO A 93 2.14 -2.36 -13.29
CA PRO A 93 3.12 -1.29 -13.04
C PRO A 93 3.01 -0.57 -11.68
N PHE A 94 1.82 -0.58 -11.04
CA PHE A 94 1.66 0.09 -9.73
C PHE A 94 1.95 -0.83 -8.54
N PHE A 95 2.37 -2.05 -8.83
CA PHE A 95 2.77 -2.99 -7.78
C PHE A 95 4.22 -3.42 -7.93
N VAL A 96 4.80 -3.82 -6.80
CA VAL A 96 6.11 -4.48 -6.77
C VAL A 96 6.08 -5.76 -7.60
N LYS A 97 7.20 -6.07 -8.23
CA LYS A 97 7.36 -7.32 -8.96
C LYS A 97 8.32 -8.27 -8.24
N LEU A 98 7.97 -9.56 -8.23
CA LEU A 98 8.85 -10.61 -7.73
C LEU A 98 9.62 -11.21 -8.92
N TYR A 99 10.93 -10.94 -8.97
CA TYR A 99 11.77 -11.40 -10.07
C TYR A 99 12.36 -12.78 -9.84
N PHE A 100 12.69 -13.10 -8.60
CA PHE A 100 13.31 -14.38 -8.23
C PHE A 100 13.20 -14.66 -6.74
N THR A 101 13.31 -15.94 -6.40
CA THR A 101 13.48 -16.35 -5.01
C THR A 101 14.60 -17.37 -4.94
N PHE A 102 15.31 -17.39 -3.80
CA PHE A 102 16.22 -18.47 -3.47
C PHE A 102 16.40 -18.58 -1.98
N GLN A 103 17.13 -19.61 -1.54
CA GLN A 103 17.41 -19.80 -0.13
C GLN A 103 18.74 -20.49 0.10
N ASP A 104 19.37 -20.17 1.21
CA ASP A 104 20.51 -20.95 1.70
C ASP A 104 20.04 -21.75 2.92
N ASP A 105 20.94 -22.05 3.85
CA ASP A 105 20.60 -22.84 5.04
C ASP A 105 19.78 -22.05 6.05
N GLU A 106 20.04 -20.76 6.16
CA GLU A 106 19.45 -19.92 7.19
C GLU A 106 18.26 -19.09 6.68
N LYS A 107 18.32 -18.66 5.43
CA LYS A 107 17.51 -17.52 4.98
C LYS A 107 16.77 -17.72 3.66
N LEU A 108 15.61 -17.07 3.57
CA LEU A 108 14.86 -16.94 2.32
C LEU A 108 15.15 -15.58 1.70
N TYR A 109 15.27 -15.57 0.38
CA TYR A 109 15.55 -14.34 -0.37
C TYR A 109 14.47 -14.12 -1.42
N PHE A 110 13.77 -12.98 -1.35
CA PHE A 110 12.84 -12.59 -2.41
C PHE A 110 13.39 -11.36 -3.14
N GLY A 111 13.65 -11.50 -4.44
CA GLY A 111 14.14 -10.40 -5.25
C GLY A 111 13.00 -9.56 -5.79
N LEU A 112 12.96 -8.30 -5.36
CA LEU A 112 11.85 -7.39 -5.66
C LEU A 112 12.30 -6.17 -6.46
N SER A 113 11.34 -5.50 -7.09
CA SER A 113 11.57 -4.20 -7.72
C SER A 113 12.27 -3.26 -6.75
N TYR A 114 13.25 -2.52 -7.26
CA TYR A 114 13.86 -1.44 -6.51
C TYR A 114 13.16 -0.13 -6.87
N ALA A 115 12.71 0.59 -5.85
CA ALA A 115 12.01 1.86 -6.01
C ALA A 115 12.88 3.00 -5.53
N LYS A 116 13.60 3.61 -6.46
CA LYS A 116 14.65 4.59 -6.20
C LYS A 116 14.26 5.75 -5.25
N ASN A 117 13.01 6.19 -5.32
CA ASN A 117 12.59 7.36 -4.57
C ASN A 117 11.92 7.10 -3.21
N GLY A 118 11.90 5.83 -2.80
CA GLY A 118 11.46 5.46 -1.46
C GLY A 118 9.98 5.59 -1.18
N GLU A 119 9.63 5.72 0.10
CA GLU A 119 8.24 5.73 0.56
C GLU A 119 7.52 7.03 0.23
N LEU A 120 6.20 6.93 0.08
CA LEU A 120 5.32 8.09 -0.09
C LEU A 120 5.29 8.96 1.17
N LEU A 121 5.35 8.32 2.33
CA LEU A 121 5.34 8.99 3.63
C LEU A 121 6.45 10.04 3.75
N LYS A 122 7.62 9.72 3.19
CA LYS A 122 8.77 10.63 3.14
C LYS A 122 8.44 11.92 2.39
N TYR A 123 7.74 11.81 1.27
CA TYR A 123 7.33 12.99 0.50
C TYR A 123 6.22 13.79 1.17
N ILE A 124 5.27 13.09 1.81
CA ILE A 124 4.21 13.73 2.59
C ILE A 124 4.80 14.65 3.67
N ARG A 125 5.77 14.12 4.42
CA ARG A 125 6.40 14.86 5.51
C ARG A 125 7.32 15.99 5.04
N LYS A 126 7.93 15.82 3.87
CA LYS A 126 8.87 16.79 3.30
C LYS A 126 8.17 18.07 2.80
N ILE A 127 7.11 17.90 2.01
CA ILE A 127 6.40 19.06 1.44
C ILE A 127 5.15 19.46 2.24
N GLY A 128 4.91 18.76 3.34
CA GLY A 128 3.81 19.09 4.26
C GLY A 128 2.49 18.43 3.89
N SER A 129 1.99 18.79 2.71
CA SER A 129 0.74 18.25 2.17
C SER A 129 0.69 18.54 0.67
N PHE A 130 -0.04 17.71 -0.07
CA PHE A 130 -0.11 17.80 -1.53
C PHE A 130 -1.14 18.84 -1.96
N ASP A 131 -0.89 19.51 -3.09
CA ASP A 131 -1.90 20.36 -3.71
C ASP A 131 -2.95 19.49 -4.39
N GLU A 132 -3.93 20.10 -5.06
CA GLU A 132 -5.04 19.35 -5.65
C GLU A 132 -4.64 18.42 -6.80
N THR A 133 -3.74 18.89 -7.66
CA THR A 133 -3.27 18.15 -8.82
C THR A 133 -2.51 16.88 -8.40
N CYS A 134 -1.58 17.02 -7.47
CA CYS A 134 -0.80 15.89 -6.95
C CYS A 134 -1.65 14.89 -6.14
N THR A 135 -2.57 15.42 -5.34
CA THR A 135 -3.51 14.58 -4.60
C THR A 135 -4.34 13.73 -5.56
N ARG A 136 -4.92 14.39 -6.57
CA ARG A 136 -5.75 13.70 -7.57
C ARG A 136 -4.97 12.63 -8.33
N PHE A 137 -3.80 12.99 -8.84
CA PHE A 137 -2.98 12.07 -9.61
C PHE A 137 -2.58 10.82 -8.82
N TYR A 138 -2.08 11.04 -7.60
CA TYR A 138 -1.60 9.93 -6.78
C TYR A 138 -2.72 9.11 -6.17
N THR A 139 -3.84 9.76 -5.83
CA THR A 139 -5.07 9.05 -5.44
C THR A 139 -5.55 8.15 -6.58
N ALA A 140 -5.59 8.70 -7.79
CA ALA A 140 -5.97 7.93 -9.00
C ALA A 140 -5.09 6.70 -9.24
N GLU A 141 -3.78 6.82 -9.03
CA GLU A 141 -2.86 5.70 -9.20
C GLU A 141 -3.12 4.59 -8.18
N ILE A 142 -3.49 4.99 -6.95
CA ILE A 142 -3.82 4.03 -5.90
C ILE A 142 -5.14 3.34 -6.21
N VAL A 143 -6.11 4.11 -6.68
CA VAL A 143 -7.41 3.57 -7.08
C VAL A 143 -7.27 2.51 -8.18
N SER A 144 -6.51 2.81 -9.25
CA SER A 144 -6.26 1.86 -10.35
C SER A 144 -5.51 0.61 -9.89
N ALA A 145 -4.59 0.80 -8.96
CA ALA A 145 -3.83 -0.32 -8.38
C ALA A 145 -4.76 -1.23 -7.60
N LEU A 146 -5.59 -0.64 -6.75
CA LEU A 146 -6.60 -1.39 -5.97
C LEU A 146 -7.63 -2.08 -6.85
N GLU A 147 -8.03 -1.42 -7.94
CA GLU A 147 -8.95 -2.00 -8.90
C GLU A 147 -8.39 -3.30 -9.48
N TYR A 148 -7.12 -3.24 -9.88
CA TYR A 148 -6.39 -4.43 -10.32
C TYR A 148 -6.29 -5.50 -9.24
N LEU A 149 -5.93 -5.09 -8.03
CA LEU A 149 -5.70 -6.01 -6.91
C LEU A 149 -6.99 -6.74 -6.52
N HIS A 150 -8.06 -5.97 -6.30
CA HIS A 150 -9.35 -6.52 -5.89
C HIS A 150 -9.99 -7.39 -6.98
N GLY A 151 -9.71 -7.07 -8.25
CA GLY A 151 -10.18 -7.88 -9.37
C GLY A 151 -9.56 -9.26 -9.46
N LYS A 152 -8.44 -9.45 -8.76
CA LYS A 152 -7.79 -10.75 -8.66
C LYS A 152 -8.21 -11.51 -7.39
N GLY A 153 -9.10 -10.90 -6.61
CA GLY A 153 -9.54 -11.48 -5.35
C GLY A 153 -8.50 -11.40 -4.25
N ILE A 154 -7.62 -10.41 -4.35
CA ILE A 154 -6.56 -10.22 -3.36
C ILE A 154 -6.80 -8.94 -2.58
N ILE A 155 -6.57 -9.01 -1.26
CA ILE A 155 -6.76 -7.87 -0.37
C ILE A 155 -5.45 -7.58 0.34
N HIS A 156 -5.06 -6.30 0.38
CA HIS A 156 -3.77 -5.90 0.94
C HIS A 156 -3.70 -5.97 2.48
N ARG A 157 -4.63 -5.29 3.14
CA ARG A 157 -4.82 -5.32 4.60
C ARG A 157 -3.83 -4.48 5.43
N ASP A 158 -2.92 -3.79 4.77
CA ASP A 158 -1.94 -2.92 5.42
C ASP A 158 -1.53 -1.78 4.49
N LEU A 159 -2.53 -1.17 3.86
CA LEU A 159 -2.30 -0.06 2.94
C LEU A 159 -2.06 1.24 3.71
N LYS A 160 -0.94 1.88 3.39
CA LYS A 160 -0.49 3.11 4.05
C LYS A 160 0.69 3.67 3.27
N PRO A 161 0.95 4.99 3.42
CA PRO A 161 2.04 5.68 2.71
C PRO A 161 3.44 5.06 2.85
N GLU A 162 3.71 4.39 3.96
CA GLU A 162 4.98 3.68 4.17
C GLU A 162 5.14 2.49 3.20
N ASN A 163 4.01 1.85 2.88
CA ASN A 163 3.99 0.69 1.98
C ASN A 163 3.78 1.04 0.50
N ILE A 164 3.62 2.33 0.24
CA ILE A 164 3.49 2.82 -1.13
C ILE A 164 4.79 3.52 -1.50
N LEU A 165 5.54 2.88 -2.40
CA LEU A 165 6.83 3.39 -2.83
C LEU A 165 6.68 4.25 -4.07
N LEU A 166 7.75 4.96 -4.42
CA LEU A 166 7.81 5.72 -5.66
C LEU A 166 9.05 5.33 -6.46
N ASN A 167 8.85 4.99 -7.73
CA ASN A 167 9.98 4.63 -8.60
C ASN A 167 10.73 5.85 -9.12
N GLU A 168 11.77 5.63 -9.93
CA GLU A 168 12.57 6.71 -10.52
C GLU A 168 11.74 7.73 -11.32
N ASP A 169 10.66 7.26 -11.95
CA ASP A 169 9.73 8.12 -12.68
C ASP A 169 8.69 8.80 -11.78
N MET A 170 8.68 8.43 -10.49
CA MET A 170 7.74 8.98 -9.49
C MET A 170 6.31 8.45 -9.63
N HIS A 171 6.16 7.28 -10.26
CA HIS A 171 4.91 6.54 -10.23
C HIS A 171 4.92 5.63 -9.00
N ILE A 172 3.74 5.30 -8.49
CA ILE A 172 3.63 4.47 -7.28
C ILE A 172 4.03 3.02 -7.52
N GLN A 173 4.53 2.38 -6.47
CA GLN A 173 4.79 0.95 -6.45
C GLN A 173 4.40 0.41 -5.07
N ILE A 174 3.22 -0.19 -4.99
CA ILE A 174 2.74 -0.73 -3.72
C ILE A 174 3.48 -2.02 -3.37
N THR A 175 3.95 -2.08 -2.13
CA THR A 175 4.71 -3.22 -1.60
C THR A 175 4.13 -3.70 -0.27
N ASP A 176 4.88 -4.58 0.40
CA ASP A 176 4.51 -5.17 1.70
C ASP A 176 3.23 -6.04 1.64
N PHE A 177 3.41 -7.26 1.18
CA PHE A 177 2.31 -8.21 1.04
C PHE A 177 2.32 -9.32 2.10
N GLY A 178 2.96 -9.03 3.22
CA GLY A 178 3.14 -10.00 4.31
C GLY A 178 1.85 -10.36 5.03
N THR A 179 0.88 -9.45 4.99
CA THR A 179 -0.41 -9.66 5.64
C THR A 179 -1.57 -9.62 4.63
N ALA A 180 -1.27 -9.95 3.39
CA ALA A 180 -2.26 -9.94 2.31
C ALA A 180 -3.12 -11.21 2.31
N LYS A 181 -4.37 -11.07 1.85
CA LYS A 181 -5.36 -12.14 1.89
C LYS A 181 -5.90 -12.42 0.48
N VAL A 182 -5.98 -13.70 0.12
CA VAL A 182 -6.64 -14.12 -1.12
C VAL A 182 -8.01 -14.75 -0.78
N LEU A 183 -9.05 -14.25 -1.43
CA LEU A 183 -10.44 -14.70 -1.17
C LEU A 183 -10.78 -16.02 -1.85
N SER A 184 -11.76 -16.72 -1.28
CA SER A 184 -12.31 -17.95 -1.87
C SER A 184 -13.61 -17.68 -2.63
N VAL A 196 -5.33 -7.59 11.92
CA VAL A 196 -5.15 -6.15 12.08
C VAL A 196 -3.85 -5.67 11.43
N GLY A 197 -3.93 -4.60 10.66
CA GLY A 197 -2.76 -3.96 10.05
C GLY A 197 -2.12 -2.93 10.96
N THR A 198 -2.13 -1.66 10.52
CA THR A 198 -1.58 -0.55 11.29
C THR A 198 -2.71 0.28 11.89
N ALA A 199 -2.56 0.62 13.17
CA ALA A 199 -3.64 1.19 14.00
C ALA A 199 -4.46 2.30 13.35
N GLN A 200 -3.77 3.24 12.72
CA GLN A 200 -4.39 4.45 12.17
C GLN A 200 -5.21 4.20 10.90
N TYR A 201 -4.96 3.07 10.24
CA TYR A 201 -5.60 2.75 8.96
C TYR A 201 -6.56 1.56 9.07
N VAL A 202 -6.72 1.06 10.29
CA VAL A 202 -7.65 -0.03 10.62
C VAL A 202 -9.10 0.43 10.48
N SER A 203 -9.92 -0.41 9.84
CA SER A 203 -11.34 -0.13 9.60
C SER A 203 -12.18 -0.55 10.81
N PRO A 204 -13.39 0.04 10.96
CA PRO A 204 -14.26 -0.28 12.10
C PRO A 204 -14.65 -1.76 12.18
N GLU A 205 -15.02 -2.37 11.06
CA GLU A 205 -15.47 -3.77 11.05
C GLU A 205 -14.40 -4.73 11.58
N LEU A 206 -13.14 -4.37 11.38
CA LEU A 206 -12.01 -5.14 11.85
C LEU A 206 -11.90 -5.11 13.38
N LEU A 207 -12.39 -4.03 13.98
CA LEU A 207 -12.44 -3.88 15.43
C LEU A 207 -13.73 -4.46 16.03
N THR A 208 -14.65 -4.90 15.16
CA THR A 208 -15.94 -5.45 15.59
C THR A 208 -16.03 -6.97 15.40
N GLU A 209 -16.13 -7.40 14.14
CA GLU A 209 -16.33 -8.83 13.84
C GLU A 209 -15.03 -9.59 13.61
N LYS A 210 -13.91 -8.89 13.68
CA LYS A 210 -12.58 -9.44 13.31
C LYS A 210 -12.60 -9.96 11.86
N SER A 211 -13.31 -9.23 10.99
CA SER A 211 -13.53 -9.67 9.61
C SER A 211 -12.95 -8.70 8.58
N ALA A 212 -12.16 -9.25 7.66
CA ALA A 212 -11.45 -8.44 6.65
C ALA A 212 -11.89 -8.76 5.23
N CYS A 213 -12.14 -7.70 4.45
CA CYS A 213 -12.47 -7.84 3.04
C CYS A 213 -11.99 -6.61 2.26
N LYS A 214 -12.52 -6.43 1.06
CA LYS A 214 -12.09 -5.36 0.14
C LYS A 214 -12.35 -3.96 0.68
N SER A 215 -13.40 -3.82 1.49
CA SER A 215 -13.78 -2.53 2.05
C SER A 215 -12.79 -2.00 3.11
N SER A 216 -12.01 -2.91 3.70
CA SER A 216 -10.93 -2.54 4.61
C SER A 216 -9.84 -1.75 3.86
N ASP A 217 -9.51 -2.19 2.64
CA ASP A 217 -8.56 -1.50 1.76
C ASP A 217 -9.08 -0.12 1.35
N LEU A 218 -10.37 -0.06 1.06
CA LEU A 218 -11.05 1.17 0.62
C LEU A 218 -11.18 2.19 1.74
N TRP A 219 -11.34 1.69 2.96
CA TRP A 219 -11.26 2.51 4.17
C TRP A 219 -9.87 3.16 4.28
N ALA A 220 -8.83 2.34 4.21
CA ALA A 220 -7.44 2.80 4.26
C ALA A 220 -7.13 3.82 3.17
N LEU A 221 -7.68 3.59 1.97
CA LEU A 221 -7.64 4.57 0.88
C LEU A 221 -8.17 5.96 1.31
N GLY A 222 -9.33 5.99 1.96
CA GLY A 222 -9.91 7.23 2.48
C GLY A 222 -9.02 7.93 3.50
N CYS A 223 -8.35 7.16 4.35
CA CYS A 223 -7.38 7.68 5.31
C CYS A 223 -6.18 8.29 4.61
N ILE A 224 -5.70 7.61 3.56
CA ILE A 224 -4.58 8.09 2.77
C ILE A 224 -4.89 9.38 2.02
N ILE A 225 -6.09 9.46 1.42
CA ILE A 225 -6.51 10.69 0.72
C ILE A 225 -6.53 11.88 1.68
N TYR A 226 -7.16 11.68 2.83
CA TYR A 226 -7.19 12.68 3.90
C TYR A 226 -5.77 13.12 4.25
N GLN A 227 -4.89 12.15 4.48
CA GLN A 227 -3.49 12.39 4.86
C GLN A 227 -2.69 13.15 3.78
N LEU A 228 -2.98 12.90 2.51
CA LEU A 228 -2.37 13.64 1.41
C LEU A 228 -2.77 15.13 1.43
N VAL A 229 -4.04 15.39 1.72
CA VAL A 229 -4.57 16.76 1.71
C VAL A 229 -4.27 17.50 3.01
N ALA A 230 -4.44 16.83 4.15
CA ALA A 230 -4.28 17.46 5.45
C ALA A 230 -2.83 17.38 5.99
N GLY A 231 -2.07 16.41 5.52
CA GLY A 231 -0.69 16.22 5.96
C GLY A 231 -0.55 15.17 7.04
N LEU A 232 -1.68 14.82 7.66
CA LEU A 232 -1.73 13.84 8.73
C LEU A 232 -2.92 12.91 8.52
N PRO A 233 -2.83 11.65 9.00
CA PRO A 233 -3.97 10.72 8.99
C PRO A 233 -5.17 11.21 9.84
N PRO A 234 -6.40 10.77 9.50
CA PRO A 234 -7.62 11.34 10.12
C PRO A 234 -7.80 11.05 11.60
N PHE A 235 -7.47 9.82 12.01
CA PHE A 235 -7.63 9.39 13.38
C PHE A 235 -6.28 9.36 14.07
N ARG A 236 -6.14 10.22 15.08
CA ARG A 236 -4.89 10.39 15.82
C ARG A 236 -5.21 10.50 17.30
N ALA A 237 -4.46 9.79 18.14
CA ALA A 237 -4.65 9.86 19.59
C ALA A 237 -3.37 9.44 20.32
N GLY A 238 -3.40 9.55 21.65
CA GLY A 238 -2.22 9.28 22.49
C GLY A 238 -1.69 7.86 22.42
N ASN A 239 -2.61 6.90 22.27
CA ASN A 239 -2.24 5.49 22.18
C ASN A 239 -3.17 4.72 21.25
N GLU A 240 -2.89 3.43 21.06
CA GLU A 240 -3.67 2.58 20.17
C GLU A 240 -5.14 2.39 20.57
N TYR A 241 -5.40 2.21 21.86
CA TYR A 241 -6.77 2.07 22.35
C TYR A 241 -7.61 3.30 22.00
N LEU A 242 -7.06 4.49 22.24
CA LEU A 242 -7.72 5.76 21.96
C LEU A 242 -7.94 6.03 20.47
N ILE A 243 -7.07 5.48 19.62
CA ILE A 243 -7.21 5.59 18.15
C ILE A 243 -8.38 4.71 17.69
N PHE A 244 -8.41 3.47 18.19
CA PHE A 244 -9.49 2.53 17.91
C PHE A 244 -10.86 3.08 18.31
N GLN A 245 -10.92 3.77 19.46
CA GLN A 245 -12.12 4.45 19.94
C GLN A 245 -12.63 5.47 18.93
N LYS A 246 -11.72 6.31 18.45
CA LYS A 246 -12.04 7.34 17.45
C LYS A 246 -12.54 6.75 16.12
N ILE A 247 -11.94 5.64 15.70
CA ILE A 247 -12.32 4.95 14.47
C ILE A 247 -13.78 4.49 14.50
N ILE A 248 -14.15 3.76 15.54
CA ILE A 248 -15.50 3.19 15.67
C ILE A 248 -16.60 4.23 15.91
N LYS A 249 -16.21 5.41 16.39
CA LYS A 249 -17.14 6.51 16.62
C LYS A 249 -17.16 7.45 15.43
N LEU A 250 -16.22 7.25 14.50
CA LEU A 250 -16.00 8.11 13.33
C LEU A 250 -15.62 9.53 13.77
N GLU A 251 -14.71 9.62 14.74
CA GLU A 251 -14.33 10.88 15.37
C GLU A 251 -13.10 11.52 14.68
N TYR A 252 -13.37 12.29 13.64
CA TYR A 252 -12.33 13.03 12.90
C TYR A 252 -12.91 14.29 12.28
N ASP A 253 -12.08 15.28 12.05
CA ASP A 253 -12.53 16.56 11.51
C ASP A 253 -11.76 16.94 10.25
N PHE A 254 -12.46 17.55 9.30
CA PHE A 254 -11.82 18.13 8.13
C PHE A 254 -11.35 19.56 8.45
N PRO A 255 -10.08 19.88 8.11
CA PRO A 255 -9.63 21.27 8.13
C PRO A 255 -10.39 22.10 7.10
N GLU A 256 -10.62 23.38 7.40
CA GLU A 256 -11.51 24.22 6.61
C GLU A 256 -11.10 24.32 5.13
N LYS A 257 -9.79 24.30 4.88
CA LYS A 257 -9.24 24.48 3.53
C LYS A 257 -9.25 23.21 2.66
N PHE A 258 -9.65 22.08 3.24
CA PHE A 258 -9.73 20.79 2.55
C PHE A 258 -10.54 20.89 1.25
N PHE A 259 -9.95 20.42 0.15
CA PHE A 259 -10.61 20.45 -1.17
C PHE A 259 -12.00 19.80 -1.11
N PRO A 260 -13.06 20.57 -1.44
CA PRO A 260 -14.46 20.12 -1.31
C PRO A 260 -14.77 18.76 -1.97
N LYS A 261 -14.24 18.53 -3.17
CA LYS A 261 -14.49 17.28 -3.88
C LYS A 261 -13.69 16.11 -3.30
N ALA A 262 -12.49 16.40 -2.80
CA ALA A 262 -11.69 15.43 -2.06
C ALA A 262 -12.37 15.08 -0.73
N ARG A 263 -12.89 16.11 -0.04
CA ARG A 263 -13.66 15.89 1.19
C ARG A 263 -14.88 14.99 0.96
N ASP A 264 -15.64 15.30 -0.10
CA ASP A 264 -16.81 14.52 -0.49
C ASP A 264 -16.48 13.04 -0.75
N LEU A 265 -15.34 12.80 -1.39
CA LEU A 265 -14.85 11.43 -1.64
C LEU A 265 -14.48 10.71 -0.34
N VAL A 266 -13.72 11.39 0.53
CA VAL A 266 -13.30 10.86 1.83
C VAL A 266 -14.51 10.49 2.71
N GLU A 267 -15.55 11.32 2.70
CA GLU A 267 -16.79 11.06 3.44
C GLU A 267 -17.54 9.82 2.92
N LYS A 268 -17.24 9.42 1.69
CA LYS A 268 -17.89 8.25 1.06
C LYS A 268 -17.05 6.98 1.16
N LEU A 269 -15.83 7.11 1.67
CA LEU A 269 -14.95 5.98 1.92
C LEU A 269 -14.84 5.70 3.42
N LEU A 270 -14.84 6.76 4.21
CA LEU A 270 -14.86 6.64 5.66
C LEU A 270 -16.30 6.53 6.14
N VAL A 271 -16.92 5.42 5.77
CA VAL A 271 -18.27 5.07 6.17
C VAL A 271 -18.15 3.87 7.09
N LEU A 272 -18.83 3.94 8.24
CA LEU A 272 -18.77 2.89 9.25
C LEU A 272 -19.25 1.54 8.71
N ASP A 273 -20.39 1.56 8.03
CA ASP A 273 -20.94 0.39 7.34
C ASP A 273 -20.09 0.10 6.09
N ALA A 274 -19.41 -1.05 6.12
CA ALA A 274 -18.48 -1.45 5.05
C ALA A 274 -19.20 -1.76 3.73
N THR A 275 -20.52 -1.82 3.80
CA THR A 275 -21.40 -2.14 2.69
C THR A 275 -21.76 -0.88 1.89
N LYS A 276 -21.46 0.29 2.44
CA LYS A 276 -21.88 1.56 1.85
C LYS A 276 -20.72 2.39 1.29
N ARG A 277 -19.54 1.81 1.21
CA ARG A 277 -18.34 2.55 0.76
C ARG A 277 -18.17 2.49 -0.75
N LEU A 278 -17.87 3.64 -1.36
CA LEU A 278 -17.56 3.73 -2.79
C LEU A 278 -16.43 2.77 -3.18
N GLY A 279 -16.70 1.91 -4.17
CA GLY A 279 -15.72 0.95 -4.65
C GLY A 279 -16.11 -0.49 -4.37
N CYS A 280 -16.86 -0.71 -3.31
CA CYS A 280 -17.22 -2.05 -2.89
C CYS A 280 -18.33 -2.64 -3.78
N GLU A 281 -18.45 -3.96 -3.76
CA GLU A 281 -19.40 -4.71 -4.60
C GLU A 281 -20.86 -4.25 -4.41
N GLU A 282 -21.24 -3.96 -3.17
CA GLU A 282 -22.59 -3.50 -2.84
C GLU A 282 -22.91 -2.12 -3.40
N MET A 283 -21.86 -1.33 -3.63
CA MET A 283 -21.97 0.00 -4.24
C MET A 283 -21.68 -0.03 -5.75
N GLU A 284 -21.61 -1.24 -6.30
CA GLU A 284 -21.43 -1.52 -7.75
C GLU A 284 -20.01 -1.27 -8.28
N GLY A 285 -19.03 -1.46 -7.39
CA GLY A 285 -17.62 -1.55 -7.80
C GLY A 285 -16.91 -0.25 -8.09
N TYR A 286 -15.89 -0.36 -8.94
CA TYR A 286 -14.91 0.70 -9.18
C TYR A 286 -15.36 1.77 -10.17
N GLY A 287 -16.38 1.46 -10.97
CA GLY A 287 -16.97 2.42 -11.89
C GLY A 287 -17.43 3.71 -11.19
N PRO A 288 -18.40 3.60 -10.28
CA PRO A 288 -18.85 4.77 -9.52
C PRO A 288 -17.72 5.50 -8.78
N LEU A 289 -16.79 4.75 -8.18
CA LEU A 289 -15.62 5.34 -7.52
C LEU A 289 -14.78 6.20 -8.48
N LYS A 290 -14.45 5.66 -9.64
CA LYS A 290 -13.70 6.39 -10.66
C LYS A 290 -14.48 7.55 -11.30
N ALA A 291 -15.81 7.47 -11.28
CA ALA A 291 -16.69 8.51 -11.82
C ALA A 291 -16.94 9.65 -10.83
N HIS A 292 -16.37 9.56 -9.63
CA HIS A 292 -16.50 10.61 -8.64
C HIS A 292 -15.95 11.94 -9.19
N PRO A 293 -16.69 13.06 -8.97
CA PRO A 293 -16.31 14.40 -9.44
C PRO A 293 -14.87 14.83 -9.16
N PHE A 294 -14.24 14.27 -8.14
CA PHE A 294 -12.84 14.58 -7.83
C PHE A 294 -11.89 14.04 -8.91
N PHE A 295 -12.31 12.99 -9.61
CA PHE A 295 -11.52 12.38 -10.66
C PHE A 295 -11.90 12.84 -12.08
N GLU A 296 -12.63 13.96 -12.15
CA GLU A 296 -13.22 14.46 -13.39
C GLU A 296 -12.24 14.50 -14.57
N SER A 297 -11.08 15.11 -14.35
CA SER A 297 -10.09 15.32 -15.42
C SER A 297 -9.12 14.15 -15.61
N VAL A 298 -9.29 13.08 -14.83
CA VAL A 298 -8.42 11.90 -14.91
C VAL A 298 -8.68 11.05 -16.14
N THR A 299 -7.60 10.73 -16.86
CA THR A 299 -7.63 9.67 -17.88
C THR A 299 -7.12 8.40 -17.21
N TRP A 300 -8.04 7.48 -16.94
CA TRP A 300 -7.77 6.26 -16.16
C TRP A 300 -7.04 5.17 -16.92
N GLU A 301 -7.12 5.22 -18.25
CA GLU A 301 -6.73 4.10 -19.09
C GLU A 301 -5.23 3.96 -19.32
N ASN A 302 -4.47 5.01 -19.03
CA ASN A 302 -3.02 5.03 -19.31
C ASN A 302 -2.17 5.76 -18.27
N LEU A 303 -2.62 5.73 -17.01
CA LEU A 303 -2.00 6.50 -15.93
C LEU A 303 -0.48 6.40 -15.78
N HIS A 304 0.07 5.19 -15.97
CA HIS A 304 1.49 4.94 -15.71
C HIS A 304 2.43 5.47 -16.81
N GLN A 305 1.85 5.95 -17.91
CA GLN A 305 2.64 6.55 -18.99
C GLN A 305 2.48 8.07 -19.07
N GLN A 306 1.57 8.61 -18.26
CA GLN A 306 1.46 10.05 -18.07
C GLN A 306 2.60 10.51 -17.19
N THR A 307 3.09 11.73 -17.44
CA THR A 307 4.18 12.28 -16.65
C THR A 307 3.64 12.88 -15.34
N PRO A 308 4.08 12.34 -14.18
CA PRO A 308 3.60 12.77 -12.87
C PRO A 308 3.87 14.25 -12.58
N PRO A 309 2.93 14.94 -11.91
CA PRO A 309 3.14 16.34 -11.52
C PRO A 309 4.24 16.50 -10.48
N LYS A 310 4.94 17.63 -10.52
CA LYS A 310 6.02 17.91 -9.57
C LYS A 310 5.47 18.15 -8.18
N LEU A 311 6.07 17.49 -7.18
CA LEU A 311 5.63 17.62 -5.80
C LEU A 311 6.19 18.88 -5.13
N THR A 312 5.41 19.96 -5.20
CA THR A 312 5.77 21.23 -4.57
C THR A 312 4.61 21.74 -3.72
C1 8H1 B . 12.34 2.57 2.88
N1 8H1 B . 9.84 -3.67 -0.92
O1 8H1 B . 13.12 2.78 1.68
C2 8H1 B . 12.94 1.97 0.59
N2 8H1 B . 12.61 -0.23 -2.93
O2 8H1 B . 14.27 3.57 -0.51
C3 8H1 B . 12.19 0.78 0.58
N3 8H1 B . 10.39 -3.87 -3.18
O3 8H1 B . 7.39 -2.92 4.50
C4 8H1 B . 12.04 -0.02 -0.60
N4 8H1 B . 8.33 -5.77 2.39
C5 8H1 B . 11.30 -1.26 -0.67
N5 8H1 B . 6.04 -1.67 6.45
C6 8H1 B . 10.60 -1.83 0.42
C7 8H1 B . 9.89 -3.02 0.28
C8 8H1 B . 10.50 -3.15 -1.99
C9 8H1 B . 11.23 -1.95 -1.91
C10 8H1 B . 11.91 -1.37 -2.98
C11 8H1 B . 12.68 0.44 -1.77
C12 8H1 B . 13.43 1.62 -1.75
C13 8H1 B . 13.56 2.40 -0.59
C14 8H1 B . 15.15 3.97 -1.56
C15 8H1 B . 9.17 -3.68 1.38
C16 8H1 B . 8.61 -3.00 2.46
C17 8H1 B . 7.93 -3.67 3.49
C18 8H1 B . 7.82 -5.04 3.41
C19 8H1 B . 8.99 -5.07 1.42
C20 8H1 B . 7.75 -1.56 4.70
C21 8H1 B . 7.43 -1.20 6.17
C22 8H1 B . 8.37 -1.78 7.25
C23 8H1 B . 9.12 -3.06 6.90
C24 8H1 B . 8.56 -4.32 7.22
C25 8H1 B . 9.23 -5.49 6.89
C26 8H1 B . 10.47 -5.42 6.25
C27 8H1 B . 11.03 -4.18 5.92
C28 8H1 B . 10.36 -3.01 6.25
S SO4 C . 7.08 -7.48 9.57
O1 SO4 C . 6.37 -6.82 8.47
O2 SO4 C . 6.16 -8.42 10.23
O3 SO4 C . 8.23 -8.21 9.05
O4 SO4 C . 7.51 -6.47 10.53
#